data_2HB7
#
_entry.id   2HB7
#
_cell.length_a   44.981
_cell.length_b   51.368
_cell.length_c   132.201
_cell.angle_alpha   90.00
_cell.angle_beta   90.00
_cell.angle_gamma   90.00
#
_symmetry.space_group_name_H-M   'P 21 21 21'
#
loop_
_entity.id
_entity.type
_entity.pdbx_description
1 polymer 'Vitamin D3 receptor'
2 non-polymer '2ALPHA-(3-HYDROXYPROPYL)-1ALPHA,25-DIHYDROXYVITAMIN D3'
3 water water
#
_entity_poly.entity_id   1
_entity_poly.type   'polypeptide(L)'
_entity_poly.pdbx_seq_one_letter_code
;GSHMDSLRPKLSEEQQRIIAILLDAHHKTYDPTYSDFCQFRPPVRVNDGGGSVTLELSQLSMLPHLADLVSYSIQKVIGF
AKMIPGFRDLTSEDQIVLLKSSAIEVIMLRSNESFTMDDMSWTCGNQDYKYRVSDVTKAGHSLELIEPLIKFQVGLKKLN
LHEEEHVLLMAICIVSPDRPGVQDAALIEAIQDRLSNTLQTYIRCRHPPPGSHLLYAKMIQKLADLRSLNEEHSKQYRCL
SFQPECSMKLTPLVLEVFGNEIS
;
_entity_poly.pdbx_strand_id   A
#
loop_
_chem_comp.id
_chem_comp.type
_chem_comp.name
_chem_comp.formula
O1C non-polymer '2ALPHA-(3-HYDROXYPROPYL)-1ALPHA,25-DIHYDROXYVITAMIN D3' 'C30 H50 O4'
#
# COMPACT_ATOMS: atom_id res chain seq x y z
N SER A 6 -2.17 30.53 6.39
CA SER A 6 -2.73 31.83 5.93
C SER A 6 -2.64 31.94 4.41
N LEU A 7 -1.42 32.07 3.89
CA LEU A 7 -1.21 32.19 2.45
C LEU A 7 -1.63 30.93 1.72
N ARG A 8 -2.32 31.12 0.60
CA ARG A 8 -2.78 30.01 -0.21
C ARG A 8 -2.31 30.18 -1.65
N PRO A 9 -1.02 29.96 -1.89
CA PRO A 9 -0.50 30.10 -3.26
C PRO A 9 -1.18 29.12 -4.21
N LYS A 10 -1.32 29.53 -5.46
CA LYS A 10 -1.95 28.68 -6.46
C LYS A 10 -0.98 27.60 -6.89
N LEU A 11 -1.51 26.48 -7.36
CA LEU A 11 -0.68 25.39 -7.84
C LEU A 11 0.01 25.88 -9.10
N SER A 12 1.32 25.64 -9.19
CA SER A 12 2.08 26.06 -10.37
C SER A 12 1.72 25.13 -11.53
N GLU A 13 2.11 25.51 -12.73
CA GLU A 13 1.83 24.68 -13.89
C GLU A 13 2.48 23.31 -13.70
N GLU A 14 3.69 23.31 -13.16
CA GLU A 14 4.41 22.06 -12.92
C GLU A 14 3.68 21.20 -11.90
N GLN A 15 3.24 21.82 -10.82
CA GLN A 15 2.51 21.08 -9.79
C GLN A 15 1.21 20.52 -10.35
N GLN A 16 0.59 21.26 -11.27
CA GLN A 16 -0.64 20.78 -11.89
C GLN A 16 -0.32 19.57 -12.76
N ARG A 17 0.82 19.62 -13.43
CA ARG A 17 1.22 18.53 -14.31
C ARG A 17 1.54 17.28 -13.48
N ILE A 18 2.20 17.48 -12.34
CA ILE A 18 2.56 16.37 -11.46
C ILE A 18 1.29 15.64 -11.00
N ILE A 19 0.29 16.40 -10.57
CA ILE A 19 -0.96 15.79 -10.11
C ILE A 19 -1.65 15.04 -11.25
N ALA A 20 -1.68 15.64 -12.43
CA ALA A 20 -2.31 15.00 -13.58
C ALA A 20 -1.63 13.68 -13.92
N ILE A 21 -0.30 13.68 -13.89
CA ILE A 21 0.49 12.50 -14.18
C ILE A 21 0.22 11.38 -13.17
N LEU A 22 0.17 11.76 -11.89
CA LEU A 22 -0.08 10.78 -10.83
C LEU A 22 -1.49 10.21 -10.88
N LEU A 23 -2.47 11.05 -11.18
CA LEU A 23 -3.85 10.58 -11.28
C LEU A 23 -3.93 9.57 -12.43
N ASP A 24 -3.32 9.93 -13.55
CA ASP A 24 -3.33 9.06 -14.72
C ASP A 24 -2.61 7.74 -14.42
N ALA A 25 -1.46 7.83 -13.76
CA ALA A 25 -0.70 6.63 -13.41
C ALA A 25 -1.53 5.69 -12.53
N HIS A 26 -2.26 6.27 -11.57
CA HIS A 26 -3.08 5.46 -10.69
C HIS A 26 -4.24 4.83 -11.47
N HIS A 27 -4.89 5.62 -12.33
CA HIS A 27 -6.01 5.10 -13.09
C HIS A 27 -5.59 3.96 -14.02
N LYS A 28 -4.32 3.96 -14.40
CA LYS A 28 -3.80 2.92 -15.28
C LYS A 28 -3.31 1.70 -14.53
N THR A 29 -3.08 1.84 -13.23
CA THR A 29 -2.55 0.74 -12.42
C THR A 29 -3.47 0.23 -11.32
N TYR A 30 -4.64 0.83 -11.18
CA TYR A 30 -5.58 0.38 -10.16
C TYR A 30 -6.93 0.17 -10.83
N ASP A 31 -7.31 -1.09 -11.01
CA ASP A 31 -8.58 -1.46 -11.64
C ASP A 31 -9.66 -1.55 -10.56
N PRO A 32 -10.55 -0.55 -10.49
CA PRO A 32 -11.63 -0.52 -9.50
C PRO A 32 -12.71 -1.58 -9.64
N THR A 33 -12.65 -2.36 -10.73
CA THR A 33 -13.63 -3.42 -10.93
C THR A 33 -13.04 -4.76 -10.51
N TYR A 34 -11.73 -4.79 -10.26
CA TYR A 34 -11.04 -6.00 -9.82
C TYR A 34 -11.30 -7.17 -10.76
N SER A 35 -11.32 -6.87 -12.05
CA SER A 35 -11.60 -7.87 -13.08
C SER A 35 -10.54 -8.94 -13.33
N ASP A 36 -9.31 -8.75 -12.84
CA ASP A 36 -8.25 -9.74 -13.04
C ASP A 36 -8.20 -10.80 -11.94
N PHE A 37 -8.98 -10.60 -10.89
CA PHE A 37 -8.96 -11.51 -9.75
C PHE A 37 -9.28 -12.98 -10.02
N CYS A 38 -10.06 -13.25 -11.06
CA CYS A 38 -10.38 -14.64 -11.39
C CYS A 38 -9.13 -15.37 -11.89
N GLN A 39 -8.10 -14.61 -12.22
CA GLN A 39 -6.84 -15.18 -12.72
C GLN A 39 -5.91 -15.65 -11.60
N PHE A 40 -6.20 -15.25 -10.36
CA PHE A 40 -5.36 -15.65 -9.23
C PHE A 40 -5.75 -17.05 -8.80
N ARG A 41 -4.85 -17.73 -8.10
CA ARG A 41 -5.18 -19.05 -7.60
C ARG A 41 -6.40 -18.80 -6.72
N PRO A 42 -7.40 -19.68 -6.79
CA PRO A 42 -8.63 -19.53 -6.01
C PRO A 42 -8.52 -19.41 -4.50
N PRO A 43 -9.37 -18.57 -3.91
CA PRO A 43 -9.34 -18.43 -2.46
C PRO A 43 -9.99 -19.67 -1.87
N VAL A 44 -9.43 -20.17 -0.77
CA VAL A 44 -9.98 -21.34 -0.10
C VAL A 44 -10.09 -20.95 1.36
N ARG A 45 -11.28 -21.12 1.92
CA ARG A 45 -11.51 -20.78 3.31
C ARG A 45 -11.91 -22.00 4.13
N VAL A 46 -10.93 -22.58 4.82
CA VAL A 46 -11.18 -23.75 5.64
C VAL A 46 -11.92 -23.34 6.91
N ASN A 47 -12.57 -24.28 7.56
CA ASN A 47 -13.30 -23.98 8.78
C ASN A 47 -12.30 -23.73 9.90
N ASP A 48 -12.26 -22.48 10.38
CA ASP A 48 -11.33 -22.11 11.44
C ASP A 48 -11.94 -21.04 12.34
N GLY A 49 -13.17 -21.26 12.78
CA GLY A 49 -13.83 -20.29 13.64
C GLY A 49 -13.06 -20.09 14.93
N GLY A 50 -12.23 -21.07 15.29
CA GLY A 50 -11.46 -20.97 16.51
C GLY A 50 -10.17 -20.19 16.38
N GLY A 51 -9.80 -19.83 15.16
CA GLY A 51 -8.57 -19.09 14.94
C GLY A 51 -7.36 -19.88 15.41
N SER A 52 -7.33 -21.16 15.06
CA SER A 52 -6.24 -22.05 15.43
C SER A 52 -4.99 -21.77 14.62
N VAL A 53 -3.92 -21.35 15.28
CA VAL A 53 -2.67 -21.07 14.57
C VAL A 53 -2.14 -22.36 13.94
N THR A 54 -2.24 -23.46 14.66
CA THR A 54 -1.76 -24.74 14.17
C THR A 54 -2.48 -25.13 12.88
N LEU A 55 -3.79 -24.99 12.87
CA LEU A 55 -4.58 -25.32 11.69
C LEU A 55 -4.26 -24.35 10.55
N GLU A 56 -4.18 -23.07 10.88
CA GLU A 56 -3.89 -22.05 9.88
C GLU A 56 -2.55 -22.31 9.17
N LEU A 57 -1.52 -22.64 9.94
CA LEU A 57 -0.21 -22.91 9.35
C LEU A 57 -0.18 -24.25 8.61
N SER A 58 -0.95 -25.22 9.10
CA SER A 58 -0.96 -26.52 8.44
C SER A 58 -1.61 -26.43 7.06
N GLN A 59 -2.58 -25.52 6.92
CA GLN A 59 -3.29 -25.38 5.66
C GLN A 59 -2.90 -24.17 4.81
N LEU A 60 -2.76 -23.01 5.45
CA LEU A 60 -2.43 -21.78 4.72
C LEU A 60 -3.35 -21.72 3.51
N SER A 61 -4.62 -22.03 3.74
CA SER A 61 -5.62 -22.09 2.69
C SER A 61 -5.82 -20.83 1.85
N MET A 62 -5.66 -19.67 2.46
CA MET A 62 -5.84 -18.41 1.73
C MET A 62 -4.55 -17.83 1.21
N LEU A 63 -3.42 -18.44 1.54
CA LEU A 63 -2.13 -17.90 1.11
C LEU A 63 -1.88 -17.85 -0.40
N PRO A 64 -2.22 -18.92 -1.14
CA PRO A 64 -1.98 -18.84 -2.58
C PRO A 64 -2.71 -17.66 -3.23
N HIS A 65 -3.97 -17.48 -2.86
CA HIS A 65 -4.78 -16.40 -3.41
C HIS A 65 -4.28 -15.02 -2.99
N LEU A 66 -4.03 -14.85 -1.70
CA LEU A 66 -3.55 -13.55 -1.21
C LEU A 66 -2.14 -13.26 -1.70
N ALA A 67 -1.32 -14.29 -1.83
CA ALA A 67 0.06 -14.10 -2.32
C ALA A 67 -0.02 -13.62 -3.77
N ASP A 68 -0.93 -14.21 -4.55
CA ASP A 68 -1.10 -13.81 -5.94
C ASP A 68 -1.62 -12.38 -6.02
N LEU A 69 -2.56 -12.05 -5.13
CA LEU A 69 -3.12 -10.70 -5.09
C LEU A 69 -2.03 -9.68 -4.75
N VAL A 70 -1.21 -9.99 -3.76
CA VAL A 70 -0.13 -9.09 -3.37
C VAL A 70 0.93 -9.00 -4.46
N SER A 71 1.25 -10.13 -5.09
CA SER A 71 2.26 -10.13 -6.14
C SER A 71 1.77 -9.25 -7.29
N TYR A 72 0.50 -9.43 -7.66
CA TYR A 72 -0.15 -8.66 -8.71
C TYR A 72 -0.06 -7.17 -8.36
N SER A 73 -0.32 -6.88 -7.10
CA SER A 73 -0.30 -5.50 -6.62
C SER A 73 1.09 -4.88 -6.63
N ILE A 74 2.10 -5.68 -6.30
CA ILE A 74 3.46 -5.17 -6.32
C ILE A 74 3.80 -4.78 -7.75
N GLN A 75 3.33 -5.58 -8.72
CA GLN A 75 3.60 -5.25 -10.11
C GLN A 75 2.94 -3.93 -10.48
N LYS A 76 1.72 -3.71 -9.98
CA LYS A 76 1.02 -2.46 -10.27
C LYS A 76 1.74 -1.28 -9.61
N VAL A 77 2.23 -1.49 -8.39
CA VAL A 77 2.96 -0.44 -7.69
C VAL A 77 4.25 -0.09 -8.42
N ILE A 78 4.93 -1.10 -8.97
CA ILE A 78 6.15 -0.85 -9.72
C ILE A 78 5.82 0.03 -10.92
N GLY A 79 4.70 -0.28 -11.57
CA GLY A 79 4.27 0.50 -12.72
C GLY A 79 3.92 1.92 -12.33
N PHE A 80 3.26 2.08 -11.19
CA PHE A 80 2.87 3.39 -10.70
C PHE A 80 4.13 4.21 -10.39
N ALA A 81 5.03 3.60 -9.66
CA ALA A 81 6.28 4.25 -9.26
C ALA A 81 7.07 4.76 -10.46
N LYS A 82 7.15 3.95 -11.51
CA LYS A 82 7.91 4.36 -12.69
C LYS A 82 7.33 5.61 -13.33
N MET A 83 6.07 5.90 -13.08
CA MET A 83 5.43 7.09 -13.66
C MET A 83 5.51 8.31 -12.76
N ILE A 84 6.04 8.15 -11.55
CA ILE A 84 6.18 9.28 -10.64
C ILE A 84 7.23 10.23 -11.22
N PRO A 85 6.85 11.50 -11.44
CA PRO A 85 7.79 12.49 -11.98
C PRO A 85 9.09 12.50 -11.18
N GLY A 86 10.21 12.24 -11.86
CA GLY A 86 11.49 12.25 -11.18
C GLY A 86 12.03 10.88 -10.79
N PHE A 87 11.14 9.89 -10.68
CA PHE A 87 11.57 8.55 -10.29
C PHE A 87 12.60 7.99 -11.28
N ARG A 88 12.41 8.26 -12.56
CA ARG A 88 13.33 7.76 -13.58
C ARG A 88 14.70 8.42 -13.50
N ASP A 89 14.78 9.57 -12.82
CA ASP A 89 16.05 10.27 -12.68
C ASP A 89 16.96 9.57 -11.68
N LEU A 90 16.38 8.67 -10.90
CA LEU A 90 17.14 7.91 -9.91
C LEU A 90 17.86 6.75 -10.55
N THR A 91 18.96 6.31 -9.94
CA THR A 91 19.71 5.19 -10.46
C THR A 91 18.83 3.96 -10.32
N SER A 92 19.07 2.95 -11.15
CA SER A 92 18.28 1.72 -11.11
C SER A 92 18.38 1.10 -9.72
N GLU A 93 19.58 1.19 -9.13
CA GLU A 93 19.81 0.63 -7.81
C GLU A 93 18.93 1.29 -6.74
N ASP A 94 18.83 2.61 -6.78
CA ASP A 94 18.00 3.32 -5.81
C ASP A 94 16.51 3.06 -6.07
N GLN A 95 16.14 2.94 -7.34
CA GLN A 95 14.75 2.67 -7.66
C GLN A 95 14.30 1.35 -7.02
N ILE A 96 15.12 0.32 -7.19
CA ILE A 96 14.81 -1.00 -6.63
C ILE A 96 14.77 -0.96 -5.10
N VAL A 97 15.70 -0.25 -4.49
CA VAL A 97 15.72 -0.14 -3.03
C VAL A 97 14.41 0.47 -2.53
N LEU A 98 13.99 1.56 -3.17
CA LEU A 98 12.75 2.23 -2.77
C LEU A 98 11.53 1.35 -2.98
N LEU A 99 11.47 0.67 -4.12
CA LEU A 99 10.35 -0.21 -4.42
C LEU A 99 10.22 -1.37 -3.43
N LYS A 100 11.33 -2.05 -3.17
CA LYS A 100 11.29 -3.17 -2.25
C LYS A 100 10.94 -2.77 -0.83
N SER A 101 11.44 -1.62 -0.40
CA SER A 101 11.17 -1.17 0.97
C SER A 101 9.78 -0.58 1.17
N SER A 102 9.18 -0.04 0.11
CA SER A 102 7.85 0.57 0.22
C SER A 102 6.69 -0.28 -0.27
N ALA A 103 6.99 -1.31 -1.06
CA ALA A 103 5.94 -2.19 -1.61
C ALA A 103 4.77 -2.50 -0.69
N ILE A 104 5.04 -3.12 0.46
CA ILE A 104 3.96 -3.48 1.37
C ILE A 104 3.21 -2.26 1.91
N GLU A 105 3.92 -1.15 2.11
CA GLU A 105 3.29 0.05 2.61
C GLU A 105 2.34 0.66 1.57
N VAL A 106 2.76 0.69 0.31
CA VAL A 106 1.92 1.24 -0.73
C VAL A 106 0.71 0.33 -0.95
N ILE A 107 0.90 -0.97 -0.78
CA ILE A 107 -0.21 -1.89 -0.94
C ILE A 107 -1.24 -1.61 0.15
N MET A 108 -0.77 -1.38 1.37
CA MET A 108 -1.70 -1.08 2.45
C MET A 108 -2.43 0.24 2.18
N LEU A 109 -1.70 1.23 1.67
CA LEU A 109 -2.33 2.51 1.35
C LEU A 109 -3.37 2.40 0.22
N ARG A 110 -2.98 1.80 -0.90
CA ARG A 110 -3.87 1.70 -2.03
C ARG A 110 -5.08 0.80 -1.77
N SER A 111 -4.93 -0.16 -0.85
CA SER A 111 -6.02 -1.07 -0.53
C SER A 111 -7.17 -0.32 0.13
N ASN A 112 -6.90 0.89 0.58
CA ASN A 112 -7.95 1.67 1.23
C ASN A 112 -9.09 1.91 0.25
N GLU A 113 -8.79 1.85 -1.05
CA GLU A 113 -9.81 2.06 -2.06
C GLU A 113 -10.84 0.92 -2.08
N SER A 114 -10.43 -0.30 -1.72
CA SER A 114 -11.36 -1.42 -1.69
C SER A 114 -11.89 -1.65 -0.28
N PHE A 115 -11.26 -1.03 0.71
CA PHE A 115 -11.71 -1.19 2.09
C PHE A 115 -13.04 -0.47 2.26
N THR A 116 -13.94 -1.07 3.05
CA THR A 116 -15.22 -0.43 3.30
C THR A 116 -15.56 -0.54 4.78
N MET A 117 -16.01 0.58 5.35
CA MET A 117 -16.38 0.60 6.75
C MET A 117 -17.78 0.02 6.95
N ASP A 118 -18.42 -0.38 5.86
CA ASP A 118 -19.75 -0.98 5.97
C ASP A 118 -19.65 -2.20 6.88
N ASP A 119 -18.62 -3.02 6.65
CA ASP A 119 -18.41 -4.22 7.46
C ASP A 119 -16.94 -4.50 7.75
N MET A 120 -16.10 -3.47 7.63
CA MET A 120 -14.67 -3.57 7.89
C MET A 120 -13.97 -4.67 7.10
N SER A 121 -14.17 -4.64 5.79
CA SER A 121 -13.57 -5.63 4.91
C SER A 121 -13.03 -4.94 3.68
N TRP A 122 -12.24 -5.67 2.90
CA TRP A 122 -11.71 -5.19 1.64
C TRP A 122 -12.61 -5.93 0.67
N THR A 123 -13.54 -5.20 0.07
CA THR A 123 -14.50 -5.81 -0.84
C THR A 123 -14.11 -5.58 -2.29
N CYS A 124 -13.73 -6.67 -2.97
CA CYS A 124 -13.32 -6.59 -4.35
C CYS A 124 -14.26 -7.36 -5.27
N GLY A 125 -15.51 -7.49 -4.85
CA GLY A 125 -16.48 -8.19 -5.67
C GLY A 125 -17.36 -9.10 -4.83
N ASN A 126 -17.86 -10.17 -5.45
CA ASN A 126 -18.72 -11.11 -4.74
C ASN A 126 -18.02 -11.63 -3.49
N GLN A 127 -18.76 -12.38 -2.68
CA GLN A 127 -18.22 -12.93 -1.44
C GLN A 127 -16.86 -13.59 -1.62
N ASP A 128 -16.62 -14.16 -2.81
CA ASP A 128 -15.35 -14.82 -3.07
C ASP A 128 -14.15 -13.90 -2.89
N TYR A 129 -14.29 -12.66 -3.36
CA TYR A 129 -13.20 -11.69 -3.26
C TYR A 129 -13.40 -10.63 -2.19
N LYS A 130 -14.06 -11.02 -1.10
CA LYS A 130 -14.27 -10.12 0.02
C LYS A 130 -13.33 -10.64 1.09
N TYR A 131 -12.42 -9.79 1.55
CA TYR A 131 -11.44 -10.20 2.55
C TYR A 131 -11.63 -9.55 3.91
N ARG A 132 -11.77 -10.39 4.93
CA ARG A 132 -11.95 -9.94 6.30
C ARG A 132 -10.75 -10.40 7.14
N VAL A 133 -10.74 -10.00 8.40
CA VAL A 133 -9.66 -10.38 9.31
C VAL A 133 -9.41 -11.89 9.28
N SER A 134 -10.49 -12.67 9.27
CA SER A 134 -10.39 -14.13 9.28
C SER A 134 -9.68 -14.68 8.04
N ASP A 135 -9.81 -14.00 6.91
CA ASP A 135 -9.16 -14.47 5.69
C ASP A 135 -7.65 -14.26 5.78
N VAL A 136 -7.24 -13.20 6.45
CA VAL A 136 -5.82 -12.90 6.59
C VAL A 136 -5.17 -13.86 7.59
N THR A 137 -5.92 -14.30 8.60
CA THR A 137 -5.36 -15.23 9.55
C THR A 137 -5.18 -16.58 8.86
N LYS A 138 -6.05 -16.85 7.89
CA LYS A 138 -5.97 -18.10 7.14
C LYS A 138 -4.79 -18.08 6.17
N ALA A 139 -4.11 -16.94 6.08
CA ALA A 139 -2.95 -16.82 5.22
C ALA A 139 -1.67 -16.91 6.06
N GLY A 140 -1.85 -17.13 7.36
CA GLY A 140 -0.70 -17.25 8.24
C GLY A 140 -0.32 -16.05 9.09
N HIS A 141 -1.11 -14.98 9.02
CA HIS A 141 -0.81 -13.79 9.82
C HIS A 141 -1.61 -13.77 11.12
N SER A 142 -1.12 -13.02 12.10
CA SER A 142 -1.77 -12.93 13.40
C SER A 142 -2.42 -11.57 13.59
N LEU A 143 -3.24 -11.46 14.64
CA LEU A 143 -3.95 -10.22 14.94
C LEU A 143 -3.01 -9.07 15.27
N GLU A 144 -1.78 -9.39 15.65
CA GLU A 144 -0.80 -8.36 15.99
C GLU A 144 -0.55 -7.46 14.78
N LEU A 145 -0.88 -7.96 13.59
CA LEU A 145 -0.72 -7.19 12.37
C LEU A 145 -2.08 -6.75 11.83
N ILE A 146 -3.00 -7.71 11.74
CA ILE A 146 -4.33 -7.45 11.19
C ILE A 146 -5.16 -6.38 11.91
N GLU A 147 -5.26 -6.46 13.23
CA GLU A 147 -6.04 -5.48 13.96
C GLU A 147 -5.50 -4.07 13.73
N PRO A 148 -4.19 -3.86 13.88
CA PRO A 148 -3.61 -2.52 13.68
C PRO A 148 -3.83 -2.07 12.24
N LEU A 149 -3.80 -3.03 11.31
CA LEU A 149 -4.00 -2.71 9.90
C LEU A 149 -5.42 -2.21 9.66
N ILE A 150 -6.40 -2.86 10.30
CA ILE A 150 -7.80 -2.44 10.14
C ILE A 150 -7.97 -1.05 10.74
N LYS A 151 -7.33 -0.82 11.89
CA LYS A 151 -7.43 0.48 12.55
C LYS A 151 -6.85 1.55 11.63
N PHE A 152 -5.75 1.21 10.96
CA PHE A 152 -5.10 2.12 10.02
C PHE A 152 -6.05 2.44 8.86
N GLN A 153 -6.69 1.40 8.32
CA GLN A 153 -7.62 1.60 7.21
C GLN A 153 -8.76 2.55 7.58
N VAL A 154 -9.32 2.38 8.77
CA VAL A 154 -10.40 3.24 9.20
C VAL A 154 -9.92 4.68 9.38
N GLY A 155 -8.75 4.84 9.99
CA GLY A 155 -8.21 6.17 10.21
C GLY A 155 -7.97 6.87 8.88
N LEU A 156 -7.49 6.12 7.90
CA LEU A 156 -7.22 6.67 6.58
C LEU A 156 -8.54 7.02 5.90
N LYS A 157 -9.53 6.14 6.06
CA LYS A 157 -10.85 6.38 5.47
C LYS A 157 -11.43 7.68 5.97
N LYS A 158 -11.34 7.90 7.28
CA LYS A 158 -11.89 9.09 7.89
C LYS A 158 -11.22 10.41 7.49
N LEU A 159 -10.09 10.33 6.79
CA LEU A 159 -9.43 11.56 6.35
C LEU A 159 -10.15 12.08 5.12
N ASN A 160 -10.96 11.22 4.49
CA ASN A 160 -11.72 11.61 3.31
C ASN A 160 -10.83 12.29 2.27
N LEU A 161 -9.72 11.66 1.95
CA LEU A 161 -8.77 12.23 0.98
C LEU A 161 -9.32 12.33 -0.43
N HIS A 162 -8.95 13.39 -1.12
CA HIS A 162 -9.35 13.55 -2.52
C HIS A 162 -8.43 12.57 -3.23
N GLU A 163 -8.78 12.14 -4.43
CA GLU A 163 -7.91 11.21 -5.12
C GLU A 163 -6.54 11.83 -5.33
N GLU A 164 -6.51 13.15 -5.55
CA GLU A 164 -5.26 13.88 -5.74
C GLU A 164 -4.35 13.70 -4.52
N GLU A 165 -4.93 13.80 -3.33
CA GLU A 165 -4.17 13.65 -2.10
C GLU A 165 -3.73 12.21 -1.92
N HIS A 166 -4.61 11.28 -2.29
CA HIS A 166 -4.34 9.85 -2.19
C HIS A 166 -3.13 9.43 -3.02
N VAL A 167 -3.09 9.85 -4.29
CA VAL A 167 -1.97 9.48 -5.15
C VAL A 167 -0.68 10.19 -4.77
N LEU A 168 -0.78 11.41 -4.25
CA LEU A 168 0.42 12.11 -3.82
C LEU A 168 1.01 11.42 -2.60
N LEU A 169 0.14 10.95 -1.70
CA LEU A 169 0.63 10.28 -0.49
C LEU A 169 1.36 8.98 -0.84
N MET A 170 0.85 8.25 -1.83
CA MET A 170 1.50 7.00 -2.24
C MET A 170 2.86 7.33 -2.86
N ALA A 171 2.94 8.39 -3.66
CA ALA A 171 4.18 8.78 -4.30
C ALA A 171 5.21 9.19 -3.25
N ILE A 172 4.76 9.96 -2.26
CA ILE A 172 5.63 10.42 -1.19
C ILE A 172 6.15 9.22 -0.38
N CYS A 173 5.28 8.24 -0.19
CA CYS A 173 5.65 7.03 0.55
C CYS A 173 6.79 6.32 -0.15
N ILE A 174 6.67 6.16 -1.47
CA ILE A 174 7.68 5.48 -2.27
C ILE A 174 9.01 6.24 -2.33
N VAL A 175 8.94 7.53 -2.62
CA VAL A 175 10.16 8.33 -2.74
C VAL A 175 10.59 8.88 -1.38
N SER A 176 11.06 8.00 -0.51
CA SER A 176 11.50 8.37 0.83
C SER A 176 13.01 8.24 0.96
N PRO A 177 13.69 9.34 1.34
CA PRO A 177 15.15 9.32 1.48
C PRO A 177 15.64 8.52 2.68
N ASP A 178 14.75 8.25 3.63
CA ASP A 178 15.12 7.49 4.82
C ASP A 178 14.81 6.01 4.72
N ARG A 179 15.31 5.37 3.66
CA ARG A 179 15.14 3.95 3.47
C ARG A 179 16.53 3.34 3.53
N PRO A 180 16.72 2.28 4.31
CA PRO A 180 18.05 1.67 4.40
C PRO A 180 18.58 1.18 3.05
N GLY A 181 19.80 1.54 2.72
CA GLY A 181 20.40 1.11 1.47
C GLY A 181 20.42 2.14 0.35
N VAL A 182 19.67 3.22 0.51
CA VAL A 182 19.64 4.26 -0.52
C VAL A 182 21.01 4.91 -0.69
N GLN A 183 21.38 5.19 -1.93
CA GLN A 183 22.67 5.79 -2.21
C GLN A 183 22.59 7.30 -2.28
N ASP A 184 21.79 7.82 -3.20
CA ASP A 184 21.64 9.26 -3.37
C ASP A 184 20.43 9.80 -2.62
N ALA A 185 20.55 9.88 -1.30
CA ALA A 185 19.46 10.37 -0.45
C ALA A 185 19.06 11.80 -0.81
N ALA A 186 20.05 12.64 -1.14
CA ALA A 186 19.76 14.03 -1.49
C ALA A 186 18.80 14.15 -2.67
N LEU A 187 19.07 13.41 -3.73
CA LEU A 187 18.22 13.47 -4.91
C LEU A 187 16.82 12.96 -4.58
N ILE A 188 16.75 11.88 -3.83
CA ILE A 188 15.47 11.31 -3.44
C ILE A 188 14.68 12.33 -2.63
N GLU A 189 15.35 13.00 -1.69
CA GLU A 189 14.69 14.00 -0.86
C GLU A 189 14.21 15.18 -1.70
N ALA A 190 14.97 15.54 -2.73
CA ALA A 190 14.60 16.66 -3.60
C ALA A 190 13.30 16.31 -4.33
N ILE A 191 13.20 15.07 -4.80
CA ILE A 191 12.02 14.62 -5.51
C ILE A 191 10.83 14.56 -4.54
N GLN A 192 11.07 14.03 -3.34
CA GLN A 192 10.01 13.94 -2.36
C GLN A 192 9.52 15.33 -1.95
N ASP A 193 10.45 16.26 -1.78
CA ASP A 193 10.06 17.63 -1.40
C ASP A 193 9.17 18.26 -2.47
N ARG A 194 9.47 17.98 -3.74
CA ARG A 194 8.66 18.52 -4.83
C ARG A 194 7.24 17.97 -4.71
N LEU A 195 7.14 16.69 -4.35
CA LEU A 195 5.85 16.04 -4.19
C LEU A 195 5.14 16.54 -2.93
N SER A 196 5.89 16.69 -1.84
CA SER A 196 5.33 17.16 -0.59
C SER A 196 4.82 18.59 -0.71
N ASN A 197 5.58 19.43 -1.40
CA ASN A 197 5.17 20.82 -1.58
C ASN A 197 3.91 20.87 -2.43
N THR A 198 3.82 19.95 -3.40
CA THR A 198 2.64 19.89 -4.25
C THR A 198 1.45 19.53 -3.37
N LEU A 199 1.63 18.53 -2.51
CA LEU A 199 0.56 18.09 -1.63
C LEU A 199 0.13 19.20 -0.67
N GLN A 200 1.10 19.86 -0.06
CA GLN A 200 0.79 20.95 0.87
C GLN A 200 0.03 22.09 0.18
N THR A 201 0.46 22.43 -1.02
CA THR A 201 -0.17 23.49 -1.79
C THR A 201 -1.59 23.08 -2.19
N TYR A 202 -1.75 21.85 -2.64
CA TYR A 202 -3.06 21.38 -3.04
C TYR A 202 -4.04 21.43 -1.88
N ILE A 203 -3.63 20.96 -0.71
CA ILE A 203 -4.49 20.98 0.47
C ILE A 203 -4.93 22.38 0.86
N ARG A 204 -3.99 23.32 0.82
CA ARG A 204 -4.28 24.70 1.19
C ARG A 204 -5.23 25.45 0.29
N CYS A 205 -5.23 25.15 -1.01
CA CYS A 205 -6.12 25.88 -1.89
C CYS A 205 -7.28 25.09 -2.49
N ARG A 206 -7.33 23.79 -2.26
CA ARG A 206 -8.42 22.99 -2.84
C ARG A 206 -9.19 22.11 -1.86
N HIS A 207 -8.72 22.00 -0.63
CA HIS A 207 -9.42 21.18 0.35
C HIS A 207 -10.22 22.06 1.29
N PRO A 208 -11.57 21.98 1.21
CA PRO A 208 -12.45 22.77 2.07
C PRO A 208 -12.46 22.32 3.52
N PRO A 209 -12.74 23.23 4.46
CA PRO A 209 -12.78 22.92 5.89
C PRO A 209 -14.00 22.05 6.24
N PRO A 210 -14.05 21.50 7.46
CA PRO A 210 -13.05 21.62 8.52
C PRO A 210 -11.94 20.57 8.45
N GLY A 211 -12.06 19.63 7.52
CA GLY A 211 -11.05 18.59 7.40
C GLY A 211 -9.87 18.97 6.52
N SER A 212 -9.33 20.17 6.72
CA SER A 212 -8.20 20.64 5.93
C SER A 212 -7.03 21.11 6.79
N HIS A 213 -6.01 21.67 6.13
CA HIS A 213 -4.80 22.16 6.77
C HIS A 213 -4.14 21.12 7.67
N LEU A 214 -4.65 20.96 8.89
CA LEU A 214 -4.12 19.98 9.83
C LEU A 214 -4.07 18.63 9.13
N LEU A 215 -4.71 18.58 7.97
CA LEU A 215 -4.77 17.38 7.16
C LEU A 215 -3.38 16.90 6.76
N TYR A 216 -2.50 17.82 6.41
CA TYR A 216 -1.14 17.44 6.00
C TYR A 216 -0.43 16.69 7.12
N ALA A 217 -0.52 17.21 8.34
CA ALA A 217 0.13 16.57 9.48
C ALA A 217 -0.45 15.18 9.68
N LYS A 218 -1.76 15.04 9.52
CA LYS A 218 -2.41 13.76 9.71
C LYS A 218 -1.95 12.75 8.66
N MET A 219 -1.73 13.22 7.44
CA MET A 219 -1.27 12.36 6.35
C MET A 219 0.16 11.91 6.59
N ILE A 220 1.01 12.84 7.02
CA ILE A 220 2.40 12.50 7.30
C ILE A 220 2.46 11.49 8.44
N GLN A 221 1.53 11.61 9.38
CA GLN A 221 1.48 10.68 10.51
C GLN A 221 1.14 9.28 10.01
N LYS A 222 0.32 9.19 8.97
CA LYS A 222 -0.06 7.88 8.43
C LYS A 222 1.18 7.20 7.86
N LEU A 223 2.10 7.99 7.32
CA LEU A 223 3.33 7.44 6.76
C LEU A 223 4.16 6.81 7.87
N ALA A 224 4.12 7.40 9.05
CA ALA A 224 4.86 6.87 10.18
C ALA A 224 4.20 5.57 10.63
N ASP A 225 2.86 5.56 10.61
CA ASP A 225 2.10 4.38 11.00
C ASP A 225 2.44 3.21 10.07
N LEU A 226 2.62 3.51 8.79
CA LEU A 226 2.94 2.48 7.81
C LEU A 226 4.29 1.82 8.07
N ARG A 227 5.25 2.58 8.60
CA ARG A 227 6.57 2.04 8.91
C ARG A 227 6.42 0.95 9.97
N SER A 228 5.56 1.20 10.96
CA SER A 228 5.34 0.23 12.03
C SER A 228 4.68 -1.03 11.47
N LEU A 229 3.67 -0.83 10.62
CA LEU A 229 2.98 -1.96 10.01
C LEU A 229 3.94 -2.76 9.13
N ASN A 230 4.85 -2.07 8.47
CA ASN A 230 5.83 -2.71 7.59
C ASN A 230 6.70 -3.65 8.45
N GLU A 231 7.21 -3.12 9.54
CA GLU A 231 8.06 -3.89 10.45
C GLU A 231 7.34 -5.12 10.97
N GLU A 232 6.09 -4.94 11.40
CA GLU A 232 5.32 -6.06 11.93
C GLU A 232 5.07 -7.09 10.84
N HIS A 233 4.74 -6.64 9.63
CA HIS A 233 4.51 -7.58 8.54
C HIS A 233 5.76 -8.39 8.26
N SER A 234 6.91 -7.72 8.27
CA SER A 234 8.18 -8.40 8.00
C SER A 234 8.45 -9.50 9.02
N LYS A 235 8.18 -9.21 10.29
CA LYS A 235 8.38 -10.20 11.34
C LYS A 235 7.52 -11.42 11.09
N GLN A 236 6.25 -11.19 10.75
CA GLN A 236 5.32 -12.28 10.51
C GLN A 236 5.61 -13.04 9.22
N TYR A 237 6.12 -12.35 8.21
CA TYR A 237 6.46 -13.01 6.96
C TYR A 237 7.57 -14.02 7.25
N ARG A 238 8.54 -13.59 8.07
CA ARG A 238 9.64 -14.46 8.45
C ARG A 238 9.11 -15.76 9.04
N CYS A 239 8.18 -15.64 9.99
CA CYS A 239 7.59 -16.81 10.63
C CYS A 239 6.93 -17.70 9.60
N LEU A 240 6.12 -17.08 8.74
CA LEU A 240 5.40 -17.79 7.69
C LEU A 240 6.37 -18.58 6.81
N SER A 241 7.51 -17.98 6.48
CA SER A 241 8.49 -18.62 5.62
C SER A 241 9.12 -19.89 6.22
N PHE A 242 8.98 -20.07 7.52
CA PHE A 242 9.51 -21.26 8.19
C PHE A 242 8.65 -22.47 7.93
N GLN A 243 7.42 -22.24 7.46
CA GLN A 243 6.51 -23.34 7.20
C GLN A 243 6.92 -24.13 5.96
N PRO A 244 7.17 -25.44 6.12
CA PRO A 244 7.57 -26.27 4.97
C PRO A 244 6.60 -26.15 3.80
N GLU A 245 7.17 -26.00 2.61
CA GLU A 245 6.40 -25.89 1.36
C GLU A 245 5.73 -24.53 1.18
N CYS A 246 6.07 -23.57 2.02
CA CYS A 246 5.47 -22.24 1.92
C CYS A 246 5.83 -21.55 0.62
N SER A 247 7.08 -21.73 0.16
CA SER A 247 7.54 -21.08 -1.06
C SER A 247 6.62 -21.31 -2.26
N MET A 248 6.09 -22.52 -2.41
CA MET A 248 5.20 -22.83 -3.52
C MET A 248 3.87 -22.08 -3.43
N LYS A 249 3.49 -21.66 -2.23
CA LYS A 249 2.24 -20.94 -2.04
C LYS A 249 2.42 -19.44 -2.26
N LEU A 250 3.66 -19.01 -2.45
CA LEU A 250 3.96 -17.61 -2.69
C LEU A 250 4.25 -17.41 -4.18
N THR A 251 5.04 -16.41 -4.53
CA THR A 251 5.42 -16.16 -5.91
C THR A 251 6.86 -15.67 -5.89
N PRO A 252 7.58 -15.80 -7.02
CA PRO A 252 8.97 -15.34 -7.06
C PRO A 252 9.13 -13.89 -6.64
N LEU A 253 8.23 -13.02 -7.10
CA LEU A 253 8.30 -11.61 -6.76
C LEU A 253 8.11 -11.39 -5.26
N VAL A 254 7.14 -12.08 -4.68
CA VAL A 254 6.88 -11.96 -3.25
C VAL A 254 8.09 -12.45 -2.46
N LEU A 255 8.64 -13.59 -2.86
CA LEU A 255 9.80 -14.16 -2.19
C LEU A 255 10.97 -13.18 -2.18
N GLU A 256 11.20 -12.50 -3.30
CA GLU A 256 12.30 -11.55 -3.37
C GLU A 256 12.07 -10.29 -2.54
N VAL A 257 10.90 -9.68 -2.72
CA VAL A 257 10.58 -8.45 -2.01
C VAL A 257 10.61 -8.61 -0.49
N PHE A 258 10.04 -9.69 0.01
CA PHE A 258 10.00 -9.91 1.45
C PHE A 258 11.06 -10.86 1.99
N GLY A 259 11.77 -11.54 1.08
CA GLY A 259 12.79 -12.47 1.50
C GLY A 259 14.06 -11.77 1.97
C5 O1C B . -6.14 -5.18 -2.08
C10 O1C B . -4.73 -4.95 -2.67
C1 O1C B . -4.63 -3.59 -3.45
C2 O1C B . -5.74 -3.50 -4.60
C3 O1C B . -7.19 -3.74 -3.96
C4 O1C B . -7.26 -5.08 -3.12
C6 O1C B . -6.46 -5.43 -0.78
C7 O1C B . -5.54 -5.56 0.34
C8 O1C B . -5.62 -6.37 1.39
C14 O1C B . -4.57 -6.42 2.50
C13 O1C B . -3.87 -7.88 2.58
C12 O1C B . -5.03 -8.95 2.86
C11 O1C B . -6.29 -8.84 1.94
C9 O1C B . -6.77 -7.39 1.59
C15 O1C B . -3.30 -5.46 2.46
C16 O1C B . -2.20 -6.21 3.28
C17 O1C B . -2.88 -7.54 3.77
C19 O1C B . -3.68 -5.84 -2.56
O2 O1C B . -7.53 -2.67 -3.10
O1 O1C B . -3.36 -3.42 -4.03
C20 O1C B . -1.81 -8.66 4.21
C22 O1C B . -0.53 -8.89 3.33
C18 O1C B . -3.17 -8.31 1.21
C21 O1C B . -1.29 -8.41 5.66
C23 O1C B . -0.16 -10.39 3.22
C24 O1C B . 1.00 -10.70 2.26
C25 O1C B . 1.92 -11.93 2.59
O25 O1C B . 2.61 -11.73 3.81
C27 O1C B . 2.98 -12.12 1.45
C26 O1C B . 1.08 -13.25 2.68
C28 O1C B . -5.52 -4.53 -5.80
C29 O1C B . -6.41 -4.36 -7.06
C30 O1C B . -6.13 -3.03 -7.82
O31 O1C B . -4.82 -2.93 -8.31
#